data_3H9D
#
_entry.id   3H9D
#
_cell.length_a   48.100
_cell.length_b   48.600
_cell.length_c   127.920
_cell.angle_alpha   90.00
_cell.angle_beta   90.00
_cell.angle_gamma   90.00
#
_symmetry.space_group_name_H-M   'P 21 21 21'
#
loop_
_entity.id
_entity.type
_entity.pdbx_description
1 polymer 'Microtubule-associated protein 1A/1B, light chain 3, putative'
2 non-polymer 'CALCIUM ION'
3 water water
#
_entity_poly.entity_id   1
_entity_poly.type   'polypeptide(L)'
_entity_poly.pdbx_seq_one_letter_code
;MSKKDSKYKMSHTFESRQSDAAKVRERHPDRLPIICEKVYNSDIGELDRCKFLVPSDLTVGQFVSVLRKRVQLEAESALF
VYTNDTVLPSSAQMADIYSKYKDEDGFLYMKYSGEATFG
;
_entity_poly.pdbx_strand_id   A,B
#
loop_
_chem_comp.id
_chem_comp.type
_chem_comp.name
_chem_comp.formula
CA non-polymer 'CALCIUM ION' 'Ca 2'
#
# COMPACT_ATOMS: atom_id res chain seq x y z
N LYS A 4 11.29 1.18 1.50
CA LYS A 4 10.18 0.36 0.93
C LYS A 4 8.92 0.44 1.78
N ASP A 5 7.79 0.30 1.10
CA ASP A 5 6.47 0.44 1.73
C ASP A 5 6.09 -0.76 2.60
N SER A 6 5.11 -0.54 3.46
CA SER A 6 4.59 -1.58 4.37
C SER A 6 3.92 -2.74 3.62
N LYS A 7 4.41 -3.95 3.85
CA LYS A 7 3.80 -5.15 3.29
C LYS A 7 2.44 -5.43 3.94
N TYR A 8 2.29 -5.02 5.20
CA TYR A 8 1.03 -5.16 5.93
C TYR A 8 -0.07 -4.23 5.40
N LYS A 9 0.26 -2.96 5.23
CA LYS A 9 -0.69 -2.03 4.63
C LYS A 9 -1.23 -2.56 3.29
N MET A 10 -0.33 -3.03 2.44
CA MET A 10 -0.61 -3.50 1.09
C MET A 10 -1.62 -4.67 1.06
N SER A 11 -1.45 -5.60 2.00
CA SER A 11 -2.20 -6.85 2.00
C SER A 11 -3.50 -6.80 2.80
N HIS A 12 -3.81 -5.66 3.40
CA HIS A 12 -5.05 -5.49 4.16
C HIS A 12 -5.74 -4.22 3.72
N THR A 13 -7.06 -4.26 3.60
CA THR A 13 -7.80 -3.07 3.13
C THR A 13 -7.88 -2.05 4.23
N PHE A 14 -7.88 -0.77 3.84
CA PHE A 14 -7.94 0.34 4.76
C PHE A 14 -9.08 0.23 5.76
N GLU A 15 -10.27 -0.08 5.25
CA GLU A 15 -11.48 -0.24 6.07
C GLU A 15 -11.36 -1.32 7.14
N SER A 16 -10.81 -2.48 6.78
CA SER A 16 -10.50 -3.54 7.73
C SER A 16 -9.38 -3.15 8.71
N ARG A 17 -8.39 -2.39 8.24
CA ARG A 17 -7.27 -1.93 9.08
C ARG A 17 -7.75 -0.91 10.11
N GLN A 18 -8.55 0.06 9.64
CA GLN A 18 -9.15 1.09 10.48
C GLN A 18 -10.05 0.50 11.57
N SER A 19 -10.85 -0.49 11.19
CA SER A 19 -11.75 -1.16 12.14
C SER A 19 -10.98 -2.02 13.14
N ASP A 20 -9.86 -2.58 12.71
CA ASP A 20 -9.01 -3.39 13.57
C ASP A 20 -8.39 -2.51 14.65
N ALA A 21 -7.76 -1.40 14.24
CA ALA A 21 -7.07 -0.50 15.16
C ALA A 21 -8.03 0.11 16.19
N ALA A 22 -9.29 0.31 15.79
CA ALA A 22 -10.28 0.95 16.65
C ALA A 22 -10.86 -0.04 17.64
N LYS A 23 -10.96 -1.31 17.21
CA LYS A 23 -11.40 -2.40 18.09
C LYS A 23 -10.33 -2.76 19.12
N VAL A 24 -9.08 -2.48 18.78
CA VAL A 24 -7.94 -2.67 19.70
C VAL A 24 -8.00 -1.66 20.84
N ARG A 25 -8.23 -0.40 20.50
CA ARG A 25 -8.19 0.70 21.46
C ARG A 25 -9.50 0.85 22.25
N GLU A 26 -10.50 0.05 21.88
CA GLU A 26 -11.79 0.00 22.56
C GLU A 26 -11.82 -1.16 23.56
N ARG A 27 -11.32 -2.32 23.14
CA ARG A 27 -11.27 -3.51 23.99
C ARG A 27 -10.11 -3.44 24.98
N HIS A 28 -8.96 -2.97 24.50
CA HIS A 28 -7.78 -2.77 25.32
C HIS A 28 -7.39 -1.28 25.28
N PRO A 29 -8.09 -0.44 26.08
CA PRO A 29 -7.88 1.01 26.07
C PRO A 29 -6.50 1.43 26.58
N ASP A 30 -5.86 0.56 27.35
CA ASP A 30 -4.53 0.83 27.90
C ASP A 30 -3.39 0.59 26.89
N ARG A 31 -3.75 0.16 25.67
CA ARG A 31 -2.75 -0.27 24.67
C ARG A 31 -2.74 0.56 23.38
N LEU A 32 -1.66 0.40 22.62
CA LEU A 32 -1.46 1.12 21.37
C LEU A 32 -1.20 0.13 20.25
N PRO A 33 -1.96 0.25 19.14
CA PRO A 33 -1.81 -0.72 18.04
C PRO A 33 -0.63 -0.40 17.14
N ILE A 34 0.32 -1.32 17.11
CA ILE A 34 1.59 -1.13 16.43
C ILE A 34 1.79 -2.18 15.33
N ILE A 35 2.20 -1.73 14.14
CA ILE A 35 2.66 -2.64 13.08
C ILE A 35 4.19 -2.58 13.03
N CYS A 36 4.84 -3.73 13.09
CA CYS A 36 6.30 -3.78 13.20
C CYS A 36 6.90 -4.68 12.14
N GLU A 37 7.57 -4.07 11.15
CA GLU A 37 8.10 -4.82 10.01
C GLU A 37 9.60 -4.61 9.78
N LYS A 38 10.30 -5.59 9.23
CA LYS A 38 11.73 -5.42 9.01
C LYS A 38 12.05 -4.35 7.97
N VAL A 39 13.06 -3.53 8.27
CA VAL A 39 13.70 -2.68 7.26
C VAL A 39 14.13 -3.58 6.09
N TYR A 40 13.68 -3.22 4.88
CA TYR A 40 14.00 -3.97 3.65
C TYR A 40 15.48 -4.38 3.56
N ASN A 41 16.38 -3.43 3.78
CA ASN A 41 17.84 -3.58 3.73
C ASN A 41 18.48 -4.64 4.65
N SER A 42 17.97 -4.76 5.86
CA SER A 42 18.65 -5.51 6.91
C SER A 42 18.59 -7.04 6.86
N ASP A 43 19.54 -7.68 7.54
CA ASP A 43 19.65 -9.13 7.61
C ASP A 43 18.86 -9.73 8.80
N ILE A 44 17.82 -9.04 9.23
CA ILE A 44 17.00 -9.50 10.33
C ILE A 44 15.72 -10.19 9.83
N GLY A 45 15.22 -11.16 10.59
CA GLY A 45 14.04 -11.94 10.20
C GLY A 45 12.74 -11.19 10.36
N GLU A 46 11.81 -11.46 9.45
CA GLU A 46 10.47 -10.84 9.44
C GLU A 46 9.60 -11.54 10.49
N LEU A 47 8.66 -10.81 11.08
CA LEU A 47 7.73 -11.41 12.05
C LEU A 47 6.47 -11.88 11.35
N ASP A 48 6.04 -13.11 11.63
CA ASP A 48 4.76 -13.63 11.17
C ASP A 48 3.59 -12.77 11.61
N ARG A 49 3.69 -12.33 12.86
CA ARG A 49 2.65 -11.61 13.56
C ARG A 49 3.25 -10.28 13.94
N CYS A 50 3.06 -9.31 13.07
CA CYS A 50 3.75 -8.03 13.14
C CYS A 50 2.92 -6.99 13.89
N LYS A 51 1.81 -7.40 14.49
CA LYS A 51 0.94 -6.48 15.19
C LYS A 51 1.16 -6.57 16.70
N PHE A 52 1.43 -5.43 17.30
CA PHE A 52 1.67 -5.35 18.74
C PHE A 52 0.64 -4.46 19.39
N LEU A 53 0.11 -4.95 20.51
CA LEU A 53 -0.78 -4.17 21.34
C LEU A 53 0.10 -3.78 22.52
N VAL A 54 0.64 -2.56 22.45
CA VAL A 54 1.75 -2.12 23.28
C VAL A 54 1.25 -1.26 24.45
N PRO A 55 1.60 -1.66 25.70
CA PRO A 55 1.27 -0.85 26.88
C PRO A 55 1.68 0.59 26.66
N SER A 56 0.74 1.52 26.80
CA SER A 56 0.97 2.93 26.48
C SER A 56 1.94 3.64 27.42
N ASP A 57 2.45 2.91 28.42
CA ASP A 57 3.41 3.41 29.41
C ASP A 57 4.86 3.04 29.05
N LEU A 58 5.05 2.40 27.90
CA LEU A 58 6.36 1.99 27.46
C LEU A 58 7.15 3.11 26.80
N THR A 59 8.45 3.12 27.02
CA THR A 59 9.37 3.95 26.25
C THR A 59 9.71 3.18 24.98
N VAL A 60 10.30 3.87 24.00
CA VAL A 60 10.84 3.19 22.83
C VAL A 60 11.77 2.07 23.27
N GLY A 61 12.69 2.38 24.20
CA GLY A 61 13.65 1.41 24.71
C GLY A 61 13.05 0.12 25.27
N GLN A 62 11.92 0.25 25.96
CA GLN A 62 11.21 -0.92 26.49
C GLN A 62 10.52 -1.75 25.41
N PHE A 63 9.83 -1.09 24.47
CA PHE A 63 9.23 -1.81 23.34
C PHE A 63 10.29 -2.60 22.56
N VAL A 64 11.46 -2.00 22.39
CA VAL A 64 12.60 -2.64 21.75
C VAL A 64 13.01 -3.93 22.45
N SER A 65 13.10 -3.87 23.78
CA SER A 65 13.36 -5.07 24.58
C SER A 65 12.33 -6.17 24.34
N VAL A 66 11.04 -5.77 24.25
CA VAL A 66 9.93 -6.68 23.95
C VAL A 66 10.02 -7.25 22.53
N LEU A 67 10.30 -6.38 21.56
CA LEU A 67 10.54 -6.76 20.16
C LEU A 67 11.72 -7.73 20.03
N ARG A 68 12.77 -7.51 20.82
CA ARG A 68 13.97 -8.36 20.82
C ARG A 68 13.69 -9.81 21.21
N LYS A 69 12.76 -10.01 22.12
CA LYS A 69 12.30 -11.34 22.51
C LYS A 69 11.69 -12.12 21.33
N ARG A 70 11.16 -11.40 20.35
CA ARG A 70 10.48 -12.01 19.19
C ARG A 70 11.42 -12.27 18.02
N VAL A 71 12.33 -11.33 17.76
CA VAL A 71 13.27 -11.47 16.63
C VAL A 71 14.40 -12.45 16.93
N GLN A 72 14.63 -12.69 18.24
CA GLN A 72 15.64 -13.62 18.76
C GLN A 72 17.07 -13.24 18.36
N LEU A 73 17.29 -11.93 18.19
CA LEU A 73 18.58 -11.36 17.86
C LEU A 73 19.52 -11.55 19.03
N GLU A 74 20.73 -12.03 18.73
CA GLU A 74 21.82 -12.16 19.72
C GLU A 74 21.88 -10.89 20.57
N ALA A 75 21.83 -11.06 21.90
CA ALA A 75 21.77 -9.92 22.83
C ALA A 75 22.99 -9.00 22.73
N GLU A 76 24.03 -9.48 22.05
CA GLU A 76 25.23 -8.69 21.80
C GLU A 76 24.98 -7.61 20.73
N SER A 77 23.96 -7.85 19.89
CA SER A 77 23.66 -6.96 18.78
C SER A 77 22.62 -5.90 19.14
N ALA A 78 22.87 -4.68 18.71
CA ALA A 78 21.90 -3.60 18.77
C ALA A 78 20.70 -3.86 17.87
N LEU A 79 19.56 -3.30 18.27
CA LEU A 79 18.31 -3.36 17.54
C LEU A 79 17.78 -1.95 17.46
N PHE A 80 17.51 -1.48 16.24
CA PHE A 80 17.01 -0.13 16.03
C PHE A 80 15.56 -0.14 15.56
N VAL A 81 14.81 0.89 15.90
CA VAL A 81 13.44 1.05 15.38
C VAL A 81 13.21 2.41 14.74
N TYR A 82 12.29 2.45 13.79
CA TYR A 82 12.12 3.59 12.91
C TYR A 82 10.64 3.90 12.77
N THR A 83 10.29 5.19 12.77
CA THR A 83 9.01 5.64 12.26
C THR A 83 9.33 6.79 11.31
N ASN A 84 8.50 6.96 10.28
CA ASN A 84 8.69 8.01 9.28
C ASN A 84 10.15 8.11 8.82
N ASP A 85 10.75 6.94 8.56
CA ASP A 85 12.12 6.82 8.01
C ASP A 85 13.23 7.40 8.90
N THR A 86 12.91 7.66 10.16
CA THR A 86 13.91 8.15 11.12
C THR A 86 14.01 7.23 12.34
N VAL A 87 15.25 6.86 12.68
CA VAL A 87 15.54 6.05 13.86
C VAL A 87 14.96 6.72 15.11
N LEU A 88 14.55 5.90 16.06
CA LEU A 88 13.94 6.40 17.29
C LEU A 88 14.88 6.36 18.48
N PRO A 89 14.87 7.43 19.30
CA PRO A 89 15.63 7.37 20.54
C PRO A 89 14.88 6.55 21.58
N SER A 90 15.57 5.58 22.18
CA SER A 90 14.99 4.74 23.22
C SER A 90 14.38 5.50 24.41
N SER A 91 14.75 6.77 24.54
CA SER A 91 14.27 7.67 25.60
C SER A 91 12.83 8.12 25.37
N ALA A 92 12.42 8.13 24.10
CA ALA A 92 11.09 8.60 23.72
C ALA A 92 9.98 7.71 24.28
N GLN A 93 8.83 8.31 24.52
CA GLN A 93 7.67 7.59 25.03
C GLN A 93 6.91 7.03 23.84
N MET A 94 6.69 5.72 23.81
CA MET A 94 5.92 5.11 22.72
C MET A 94 4.66 5.91 22.39
N ALA A 95 3.99 6.39 23.44
CA ALA A 95 2.71 7.08 23.33
C ALA A 95 2.80 8.51 22.77
N ASP A 96 4.01 9.07 22.77
CA ASP A 96 4.30 10.31 22.03
C ASP A 96 4.54 10.01 20.56
N ILE A 97 5.28 8.93 20.29
CA ILE A 97 5.53 8.44 18.93
C ILE A 97 4.21 8.04 18.27
N TYR A 98 3.32 7.41 19.01
CA TYR A 98 2.03 7.00 18.48
C TYR A 98 1.24 8.20 17.98
N SER A 99 1.10 9.22 18.81
CA SER A 99 0.19 10.34 18.53
C SER A 99 0.68 11.22 17.40
N LYS A 100 2.00 11.38 17.30
CA LYS A 100 2.61 12.16 16.25
C LYS A 100 2.59 11.41 14.92
N TYR A 101 2.99 10.15 14.94
CA TYR A 101 3.30 9.40 13.73
C TYR A 101 2.28 8.34 13.32
N LYS A 102 1.16 8.24 14.02
CA LYS A 102 0.13 7.26 13.69
C LYS A 102 -0.44 7.44 12.29
N ASP A 103 -0.61 6.32 11.59
CA ASP A 103 -1.21 6.28 10.26
C ASP A 103 -2.70 6.63 10.37
N GLU A 104 -3.29 7.06 9.27
CA GLU A 104 -4.74 7.30 9.16
C GLU A 104 -5.60 6.12 9.63
N ASP A 105 -5.12 4.90 9.41
CA ASP A 105 -5.87 3.71 9.85
C ASP A 105 -5.85 3.47 11.36
N GLY A 106 -5.03 4.25 12.08
CA GLY A 106 -4.95 4.19 13.54
C GLY A 106 -3.77 3.38 14.07
N PHE A 107 -3.05 2.74 13.15
CA PHE A 107 -1.86 1.96 13.48
C PHE A 107 -0.63 2.85 13.44
N LEU A 108 0.34 2.54 14.30
CA LEU A 108 1.68 3.13 14.19
C LEU A 108 2.56 2.14 13.44
N TYR A 109 3.06 2.55 12.28
CA TYR A 109 3.93 1.68 11.48
C TYR A 109 5.39 1.88 11.83
N MET A 110 6.02 0.83 12.32
CA MET A 110 7.42 0.90 12.72
C MET A 110 8.21 -0.07 11.88
N LYS A 111 9.49 0.25 11.67
CA LYS A 111 10.44 -0.69 11.09
C LYS A 111 11.49 -1.00 12.13
N TYR A 112 12.14 -2.15 11.98
CA TYR A 112 13.23 -2.53 12.88
C TYR A 112 14.42 -3.06 12.08
N SER A 113 15.61 -2.86 12.63
CA SER A 113 16.82 -3.35 12.01
C SER A 113 17.87 -3.65 13.07
N GLY A 114 18.68 -4.67 12.82
CA GLY A 114 19.90 -4.89 13.58
C GLY A 114 21.02 -4.10 12.93
N GLU A 115 22.26 -4.47 13.22
CA GLU A 115 23.43 -3.74 12.73
C GLU A 115 23.84 -4.17 11.32
N ALA A 116 23.37 -5.34 10.90
CA ALA A 116 23.73 -5.89 9.59
C ALA A 116 22.77 -5.44 8.46
N THR A 117 23.41 -5.17 7.32
CA THR A 117 22.75 -4.65 6.13
C THR A 117 23.46 -5.25 4.89
N PHE A 118 22.73 -5.40 3.79
CA PHE A 118 23.26 -6.06 2.60
C PHE A 118 24.09 -5.19 1.64
N GLY A 119 23.48 -4.18 1.07
CA GLY A 119 24.11 -3.45 -0.04
C GLY A 119 24.45 -4.34 -1.23
N LYS B 4 4.62 -3.54 -25.04
CA LYS B 4 4.09 -3.41 -23.64
C LYS B 4 3.94 -1.94 -23.21
N ASP B 5 3.77 -1.05 -24.18
CA ASP B 5 3.58 0.38 -23.88
C ASP B 5 2.16 0.90 -24.18
N SER B 6 1.88 2.13 -23.77
CA SER B 6 0.51 2.64 -23.75
C SER B 6 0.04 3.24 -25.08
N LYS B 7 -0.96 2.59 -25.68
CA LYS B 7 -1.62 3.10 -26.88
C LYS B 7 -2.19 4.49 -26.65
N TYR B 8 -2.82 4.71 -25.49
CA TYR B 8 -3.37 6.01 -25.12
C TYR B 8 -2.34 7.12 -25.15
N LYS B 9 -1.13 6.84 -24.67
CA LYS B 9 -0.05 7.83 -24.67
C LYS B 9 0.39 8.19 -26.09
N MET B 10 0.46 7.19 -26.95
CA MET B 10 0.83 7.36 -28.35
C MET B 10 -0.16 8.23 -29.14
N SER B 11 -1.45 8.10 -28.82
CA SER B 11 -2.53 8.77 -29.58
C SER B 11 -3.04 10.08 -28.96
N HIS B 12 -2.51 10.43 -27.79
CA HIS B 12 -2.88 11.65 -27.09
C HIS B 12 -1.63 12.40 -26.68
N THR B 13 -1.66 13.71 -26.85
CA THR B 13 -0.52 14.55 -26.53
C THR B 13 -0.30 14.65 -25.04
N PHE B 14 0.98 14.66 -24.68
CA PHE B 14 1.47 14.91 -23.32
C PHE B 14 0.76 16.07 -22.60
N GLU B 15 0.77 17.27 -23.20
CA GLU B 15 0.16 18.45 -22.55
C GLU B 15 -1.38 18.47 -22.60
N SER B 16 -1.96 17.71 -23.51
CA SER B 16 -3.41 17.48 -23.51
C SER B 16 -3.78 16.46 -22.42
N ARG B 17 -2.91 15.47 -22.23
CA ARG B 17 -3.02 14.49 -21.13
C ARG B 17 -2.91 15.15 -19.74
N GLN B 18 -1.85 15.96 -19.55
CA GLN B 18 -1.59 16.67 -18.28
C GLN B 18 -2.73 17.60 -17.91
N SER B 19 -3.21 18.31 -18.93
CA SER B 19 -4.36 19.22 -18.79
C SER B 19 -5.67 18.47 -18.53
N ASP B 20 -5.82 17.29 -19.13
CA ASP B 20 -7.00 16.46 -18.96
C ASP B 20 -7.09 15.92 -17.52
N ALA B 21 -5.96 15.44 -17.01
CA ALA B 21 -5.88 14.90 -15.66
C ALA B 21 -6.23 15.94 -14.57
N ALA B 22 -5.62 17.13 -14.66
CA ALA B 22 -5.93 18.24 -13.74
C ALA B 22 -7.37 18.78 -13.85
N LYS B 23 -7.93 18.80 -15.06
CA LYS B 23 -9.34 19.17 -15.27
C LYS B 23 -10.27 18.19 -14.55
N VAL B 24 -10.00 16.89 -14.74
CA VAL B 24 -10.75 15.84 -14.06
C VAL B 24 -10.61 15.97 -12.54
N ARG B 25 -9.38 16.22 -12.08
CA ARG B 25 -9.08 16.40 -10.65
C ARG B 25 -9.79 17.59 -10.01
N GLU B 26 -10.01 18.67 -10.77
CA GLU B 26 -10.71 19.86 -10.27
C GLU B 26 -12.23 19.71 -10.36
N ARG B 27 -12.70 19.10 -11.45
CA ARG B 27 -14.12 18.82 -11.61
C ARG B 27 -14.61 17.73 -10.65
N HIS B 28 -13.70 16.83 -10.27
CA HIS B 28 -14.02 15.69 -9.43
C HIS B 28 -12.90 15.41 -8.42
N PRO B 29 -12.95 16.09 -7.26
CA PRO B 29 -11.92 16.08 -6.21
C PRO B 29 -11.72 14.73 -5.53
N ASP B 30 -12.78 13.95 -5.42
CA ASP B 30 -12.76 12.66 -4.75
C ASP B 30 -12.57 11.48 -5.72
N ARG B 31 -12.13 11.77 -6.96
CA ARG B 31 -11.94 10.75 -7.99
C ARG B 31 -10.55 10.78 -8.60
N LEU B 32 -9.89 9.62 -8.66
CA LEU B 32 -8.56 9.50 -9.26
C LEU B 32 -8.68 9.15 -10.74
N PRO B 33 -7.95 9.87 -11.63
CA PRO B 33 -7.84 9.64 -13.08
C PRO B 33 -6.97 8.45 -13.50
N ILE B 34 -7.60 7.40 -14.02
CA ILE B 34 -6.92 6.16 -14.37
C ILE B 34 -7.01 5.88 -15.88
N ILE B 35 -5.90 5.50 -16.50
CA ILE B 35 -5.91 4.96 -17.87
C ILE B 35 -5.72 3.46 -17.74
N CYS B 36 -6.65 2.68 -18.28
CA CYS B 36 -6.64 1.24 -18.10
C CYS B 36 -6.75 0.53 -19.44
N GLU B 37 -5.67 -0.18 -19.80
CA GLU B 37 -5.48 -0.78 -21.13
C GLU B 37 -5.11 -2.26 -21.03
N LYS B 38 -5.50 -3.06 -22.01
CA LYS B 38 -5.21 -4.50 -21.99
C LYS B 38 -3.71 -4.79 -22.03
N VAL B 39 -3.33 -5.89 -21.39
CA VAL B 39 -2.00 -6.44 -21.57
C VAL B 39 -1.89 -6.89 -23.04
N TYR B 40 -0.75 -6.58 -23.65
CA TYR B 40 -0.46 -6.84 -25.07
C TYR B 40 -0.93 -8.21 -25.57
N ASN B 41 -0.48 -9.24 -24.86
CA ASN B 41 -0.59 -10.64 -25.27
C ASN B 41 -1.87 -11.33 -24.82
N SER B 42 -2.69 -10.61 -24.05
CA SER B 42 -3.92 -11.18 -23.50
C SER B 42 -5.01 -11.27 -24.55
N ASP B 43 -5.90 -12.24 -24.38
CA ASP B 43 -6.98 -12.47 -25.31
C ASP B 43 -8.21 -11.57 -25.03
N ILE B 44 -8.10 -10.74 -24.01
CA ILE B 44 -9.22 -9.94 -23.51
C ILE B 44 -9.48 -8.68 -24.38
N GLY B 45 -10.75 -8.29 -24.51
CA GLY B 45 -11.09 -7.10 -25.31
C GLY B 45 -10.62 -5.76 -24.75
N GLU B 46 -10.05 -4.92 -25.63
CA GLU B 46 -9.95 -3.47 -25.43
C GLU B 46 -11.43 -3.05 -25.66
N LEU B 47 -12.15 -2.38 -24.75
CA LEU B 47 -11.91 -1.08 -24.04
C LEU B 47 -11.78 0.14 -24.92
N ASP B 48 -12.92 0.73 -25.24
CA ASP B 48 -13.00 1.90 -26.13
C ASP B 48 -12.32 3.25 -25.83
N ARG B 49 -12.41 4.00 -24.72
CA ARG B 49 -13.09 3.96 -23.40
C ARG B 49 -12.25 3.54 -22.16
N CYS B 50 -10.99 3.96 -22.17
CA CYS B 50 -10.01 3.47 -21.21
C CYS B 50 -9.71 4.42 -20.02
N LYS B 51 -10.39 5.56 -19.96
CA LYS B 51 -10.25 6.51 -18.86
C LYS B 51 -11.30 6.25 -17.81
N PHE B 52 -10.86 6.16 -16.56
CA PHE B 52 -11.73 5.88 -15.42
C PHE B 52 -11.56 6.95 -14.33
N LEU B 53 -12.69 7.43 -13.82
CA LEU B 53 -12.70 8.42 -12.76
C LEU B 53 -13.06 7.69 -11.49
N VAL B 54 -12.03 7.15 -10.84
CA VAL B 54 -12.19 6.17 -9.76
C VAL B 54 -12.41 6.89 -8.44
N PRO B 55 -13.48 6.53 -7.70
CA PRO B 55 -13.63 7.05 -6.34
C PRO B 55 -12.35 6.79 -5.54
N SER B 56 -11.82 7.82 -4.89
CA SER B 56 -10.54 7.69 -4.18
C SER B 56 -10.46 6.56 -3.15
N ASP B 57 -11.61 6.16 -2.59
CA ASP B 57 -11.66 5.14 -1.52
C ASP B 57 -11.74 3.68 -1.99
N LEU B 58 -11.76 3.44 -3.30
CA LEU B 58 -11.82 2.08 -3.82
C LEU B 58 -10.55 1.28 -3.58
N THR B 59 -10.73 0.02 -3.18
CA THR B 59 -9.63 -0.93 -3.19
C THR B 59 -9.36 -1.32 -4.64
N VAL B 60 -8.26 -2.04 -4.86
CA VAL B 60 -7.96 -2.58 -6.18
C VAL B 60 -9.07 -3.55 -6.62
N GLY B 61 -9.58 -4.33 -5.67
CA GLY B 61 -10.55 -5.39 -5.95
C GLY B 61 -11.92 -4.85 -6.31
N GLN B 62 -12.30 -3.75 -5.67
CA GLN B 62 -13.51 -3.00 -6.04
C GLN B 62 -13.38 -2.36 -7.42
N PHE B 63 -12.21 -1.82 -7.74
CA PHE B 63 -11.95 -1.34 -9.09
C PHE B 63 -12.05 -2.46 -10.14
N VAL B 64 -11.47 -3.62 -9.82
CA VAL B 64 -11.54 -4.82 -10.66
C VAL B 64 -12.98 -5.33 -10.90
N SER B 65 -13.83 -5.26 -9.88
CA SER B 65 -15.26 -5.53 -10.05
C SER B 65 -15.90 -4.59 -11.08
N VAL B 66 -15.54 -3.30 -11.03
CA VAL B 66 -16.06 -2.30 -11.96
C VAL B 66 -15.64 -2.60 -13.40
N LEU B 67 -14.33 -2.82 -13.57
CA LEU B 67 -13.72 -3.12 -14.85
C LEU B 67 -14.31 -4.41 -15.46
N ARG B 68 -14.55 -5.40 -14.60
CA ARG B 68 -15.06 -6.69 -15.05
C ARG B 68 -16.38 -6.56 -15.80
N LYS B 69 -17.29 -5.73 -15.27
CA LYS B 69 -18.61 -5.51 -15.83
C LYS B 69 -18.49 -4.90 -17.22
N ARG B 70 -17.48 -4.06 -17.38
CA ARG B 70 -17.22 -3.35 -18.62
C ARG B 70 -16.56 -4.21 -19.68
N VAL B 71 -15.77 -5.17 -19.21
CA VAL B 71 -14.89 -5.93 -20.08
C VAL B 71 -15.58 -7.24 -20.43
N GLN B 72 -16.64 -7.53 -19.68
CA GLN B 72 -17.57 -8.64 -19.94
C GLN B 72 -16.93 -10.03 -19.77
N LEU B 73 -16.08 -10.14 -18.76
CA LEU B 73 -15.37 -11.38 -18.47
C LEU B 73 -16.20 -12.25 -17.53
N GLU B 74 -16.39 -13.50 -17.95
CA GLU B 74 -17.08 -14.53 -17.18
C GLU B 74 -16.63 -14.56 -15.72
N ALA B 75 -17.54 -14.89 -14.82
CA ALA B 75 -17.30 -14.85 -13.37
C ALA B 75 -16.18 -15.79 -12.87
N GLU B 76 -16.08 -16.97 -13.50
CA GLU B 76 -15.11 -17.99 -13.11
C GLU B 76 -13.70 -17.57 -13.46
N SER B 77 -13.61 -16.80 -14.54
CA SER B 77 -12.37 -16.31 -15.09
C SER B 77 -11.82 -15.15 -14.25
N ALA B 78 -10.55 -15.27 -13.87
CA ALA B 78 -9.87 -14.27 -13.06
C ALA B 78 -9.51 -13.01 -13.88
N LEU B 79 -9.33 -11.90 -13.18
CA LEU B 79 -8.97 -10.66 -13.81
C LEU B 79 -7.88 -10.00 -12.98
N PHE B 80 -6.81 -9.63 -13.66
CA PHE B 80 -5.63 -9.12 -13.01
C PHE B 80 -5.37 -7.72 -13.51
N VAL B 81 -4.94 -6.84 -12.60
CA VAL B 81 -4.48 -5.52 -12.99
C VAL B 81 -3.03 -5.28 -12.55
N TYR B 82 -2.36 -4.40 -13.28
CA TYR B 82 -0.93 -4.20 -13.16
C TYR B 82 -0.60 -2.71 -13.15
N THR B 83 0.44 -2.34 -12.43
CA THR B 83 1.08 -1.05 -12.63
C THR B 83 2.57 -1.19 -12.34
N ASN B 84 3.39 -0.44 -13.09
CA ASN B 84 4.85 -0.55 -13.06
C ASN B 84 5.33 -1.93 -13.51
N ASP B 85 4.40 -2.74 -14.01
CA ASP B 85 4.68 -4.06 -14.61
C ASP B 85 4.54 -5.21 -13.61
N THR B 86 3.80 -4.95 -12.53
CA THR B 86 3.60 -5.94 -11.48
C THR B 86 2.13 -6.02 -11.05
N VAL B 87 1.66 -7.23 -10.73
CA VAL B 87 0.28 -7.45 -10.33
C VAL B 87 -0.05 -6.71 -9.05
N LEU B 88 -1.25 -6.15 -9.02
CA LEU B 88 -1.70 -5.45 -7.85
C LEU B 88 -2.54 -6.41 -7.03
N PRO B 89 -2.34 -6.40 -5.69
CA PRO B 89 -3.19 -7.19 -4.82
C PRO B 89 -4.55 -6.52 -4.72
N SER B 90 -5.57 -7.31 -4.51
CA SER B 90 -6.93 -6.83 -4.44
C SER B 90 -7.18 -5.95 -3.18
N SER B 91 -6.32 -6.09 -2.18
CA SER B 91 -6.49 -5.35 -0.92
C SER B 91 -5.80 -3.99 -0.89
N ALA B 92 -4.92 -3.74 -1.87
CA ALA B 92 -4.32 -2.43 -2.06
C ALA B 92 -5.37 -1.33 -2.28
N GLN B 93 -5.05 -0.11 -1.85
CA GLN B 93 -5.93 1.04 -2.03
C GLN B 93 -5.57 1.78 -3.29
N MET B 94 -6.59 2.09 -4.07
CA MET B 94 -6.37 2.85 -5.31
C MET B 94 -5.67 4.18 -5.02
N ALA B 95 -5.96 4.79 -3.88
CA ALA B 95 -5.34 6.06 -3.49
C ALA B 95 -3.83 5.94 -3.26
N ASP B 96 -3.43 4.86 -2.58
CA ASP B 96 -2.02 4.53 -2.37
C ASP B 96 -1.29 4.23 -3.68
N ILE B 97 -1.91 3.40 -4.53
CA ILE B 97 -1.33 3.06 -5.83
C ILE B 97 -1.23 4.31 -6.71
N TYR B 98 -2.28 5.14 -6.70
CA TYR B 98 -2.24 6.42 -7.40
C TYR B 98 -1.08 7.32 -6.93
N SER B 99 -1.07 7.64 -5.63
CA SER B 99 -0.01 8.45 -5.01
C SER B 99 1.39 8.04 -5.39
N LYS B 100 1.65 6.74 -5.35
CA LYS B 100 2.98 6.20 -5.62
C LYS B 100 3.30 6.08 -7.11
N TYR B 101 2.31 5.75 -7.92
CA TYR B 101 2.58 5.33 -9.29
C TYR B 101 2.08 6.27 -10.41
N LYS B 102 1.29 7.28 -10.07
CA LYS B 102 0.79 8.24 -11.07
C LYS B 102 1.87 8.69 -12.05
N ASP B 103 1.51 8.81 -13.32
CA ASP B 103 2.41 9.27 -14.36
C ASP B 103 2.78 10.75 -14.20
N GLU B 104 3.77 11.20 -14.97
CA GLU B 104 4.15 12.62 -15.10
C GLU B 104 2.92 13.46 -15.46
N ASP B 105 2.06 12.91 -16.33
CA ASP B 105 0.91 13.63 -16.85
C ASP B 105 -0.31 13.58 -15.92
N GLY B 106 -0.17 12.86 -14.81
CA GLY B 106 -1.20 12.85 -13.77
C GLY B 106 -2.18 11.69 -13.78
N PHE B 107 -2.13 10.89 -14.85
CA PHE B 107 -2.91 9.66 -14.91
C PHE B 107 -2.15 8.52 -14.22
N LEU B 108 -2.87 7.65 -13.51
CA LEU B 108 -2.36 6.32 -13.21
C LEU B 108 -2.62 5.38 -14.39
N TYR B 109 -1.54 4.84 -14.96
CA TYR B 109 -1.59 3.87 -16.05
C TYR B 109 -1.57 2.44 -15.56
N MET B 110 -2.67 1.76 -15.85
CA MET B 110 -2.86 0.37 -15.46
C MET B 110 -3.01 -0.50 -16.72
N LYS B 111 -2.78 -1.80 -16.55
CA LYS B 111 -3.07 -2.79 -17.56
C LYS B 111 -3.92 -3.87 -16.94
N TYR B 112 -4.58 -4.65 -17.77
CA TYR B 112 -5.41 -5.74 -17.27
C TYR B 112 -5.32 -6.97 -18.17
N SER B 113 -5.60 -8.13 -17.60
CA SER B 113 -5.61 -9.36 -18.33
C SER B 113 -6.55 -10.30 -17.63
N GLY B 114 -7.21 -11.16 -18.40
CA GLY B 114 -7.74 -12.41 -17.85
C GLY B 114 -6.61 -13.44 -17.84
N GLU B 115 -7.00 -14.71 -17.79
CA GLU B 115 -6.04 -15.81 -17.69
C GLU B 115 -5.50 -16.31 -19.04
N ALA B 116 -6.14 -15.91 -20.14
CA ALA B 116 -5.75 -16.31 -21.50
C ALA B 116 -4.70 -15.39 -22.14
N THR B 117 -3.69 -16.02 -22.73
CA THR B 117 -2.62 -15.35 -23.44
C THR B 117 -2.30 -16.07 -24.77
N PHE B 118 -1.73 -15.33 -25.70
CA PHE B 118 -1.31 -15.86 -26.98
C PHE B 118 0.11 -16.40 -26.85
N GLY B 119 0.31 -17.62 -27.33
CA GLY B 119 1.64 -18.18 -27.50
C GLY B 119 2.15 -17.84 -28.88
CA CA C . 6.64 -14.23 15.05
CA CA D . -8.03 5.07 1.50
CA CA E . -16.07 0.14 -23.56
CA CA F . -15.97 13.66 -6.90
#